data_4K6W
#
_entry.id   4K6W
#
_cell.length_a   60.930
_cell.length_b   69.280
_cell.length_c   74.560
_cell.angle_alpha   90.00
_cell.angle_beta   94.92
_cell.angle_gamma   90.00
#
_symmetry.space_group_name_H-M   'P 1 21 1'
#
loop_
_entity.id
_entity.type
_entity.pdbx_description
1 polymer 'Fiber protein'
2 non-polymer '3,5-dideoxy-5-(propanoylamino)-D-glycero-alpha-D-galacto-non-2-ulopyranosonic acid'
3 non-polymer "2,2',2''-[nitrilotris(methanediyl-1H-1,2,3-triazole-4,1-diyl)]triethanol"
4 non-polymer 'ACETATE ION'
5 non-polymer 1,2-ETHANEDIOL
6 non-polymer 'ZINC ION'
7 non-polymer 'MAGNESIUM ION'
8 water water
#
_entity_poly.entity_id   1
_entity_poly.type   'polypeptide(L)'
_entity_poly.pdbx_seq_one_letter_code
;GAMGSWNPKYDTRTLWTTPDTSPNCTIAQDKDSKLTLVLTKCGSQILANVSLIVVAGKYHIINNKTNPKIKSFTIKLLFN
KNGVLLDNSNLGKAYWNFRSGNSNVSTAYEKAIGFMPNLVAYPKPSNSKKYARDIVYGTIYLGGKPDQPAVIKTTFNQET
GCEYSITFNFSWSKTYENVEFETTSFTFSYIAQE
;
_entity_poly.pdbx_strand_id   A,B,C
#
loop_
_chem_comp.id
_chem_comp.type
_chem_comp.name
_chem_comp.formula
18D D-saccharide, alpha linking '3,5-dideoxy-5-(propanoylamino)-D-glycero-alpha-D-galacto-non-2-ulopyranosonic acid' 'C12 H21 N O9'
1P0 non-polymer 2,2',2''-[nitrilotris(methanediyl-1H-1,2,3-triazole-4,1-diyl)]triethanol 'C15 H24 N10 O3'
ACT non-polymer 'ACETATE ION' 'C2 H3 O2 -1'
EDO non-polymer 1,2-ETHANEDIOL 'C2 H6 O2'
MG non-polymer 'MAGNESIUM ION' 'Mg 2'
ZN non-polymer 'ZINC ION' 'Zn 2'
#
# COMPACT_ATOMS: atom_id res chain seq x y z
N THR A 12 17.35 -13.82 5.92
CA THR A 12 18.05 -12.54 5.67
C THR A 12 17.04 -11.44 5.36
N ARG A 13 16.04 -11.73 4.53
CA ARG A 13 15.25 -10.66 3.90
C ARG A 13 13.83 -10.50 4.49
N THR A 14 13.28 -11.55 5.13
CA THR A 14 12.00 -11.49 5.81
C THR A 14 12.04 -11.89 7.29
N LEU A 15 11.59 -10.96 8.12
CA LEU A 15 11.36 -11.18 9.54
CA LEU A 15 11.32 -11.19 9.56
C LEU A 15 9.84 -11.34 9.72
N TRP A 16 9.41 -12.40 10.39
CA TRP A 16 7.97 -12.62 10.56
C TRP A 16 7.58 -13.39 11.80
N THR A 17 6.28 -13.53 11.96
CA THR A 17 5.67 -14.23 13.09
C THR A 17 5.37 -15.70 12.77
N THR A 18 5.77 -16.14 11.59
CA THR A 18 5.20 -17.32 10.91
C THR A 18 3.73 -17.08 10.55
N PRO A 19 3.22 -17.77 9.52
CA PRO A 19 1.86 -17.56 9.05
C PRO A 19 0.82 -18.49 9.66
N ASP A 20 1.18 -19.23 10.72
CA ASP A 20 0.19 -20.08 11.40
C ASP A 20 -0.79 -19.24 12.23
N THR A 21 -1.78 -19.92 12.81
CA THR A 21 -2.78 -19.23 13.65
C THR A 21 -2.61 -19.48 15.16
N SER A 22 -1.43 -19.97 15.56
CA SER A 22 -1.13 -20.24 16.97
CA SER A 22 -1.11 -20.25 16.96
C SER A 22 -0.92 -18.93 17.72
N PRO A 23 -1.69 -18.72 18.81
CA PRO A 23 -1.50 -17.42 19.49
C PRO A 23 -0.06 -17.10 19.94
N ASN A 24 0.34 -15.85 19.69
CA ASN A 24 1.70 -15.36 19.92
C ASN A 24 1.72 -13.98 20.59
N CYS A 25 0.56 -13.51 21.03
CA CYS A 25 0.42 -12.15 21.45
C CYS A 25 -0.49 -12.06 22.67
N THR A 26 -0.19 -11.11 23.53
CA THR A 26 -0.89 -10.92 24.79
C THR A 26 -1.36 -9.48 24.86
N ILE A 27 -2.66 -9.27 24.65
CA ILE A 27 -3.26 -7.94 24.69
C ILE A 27 -3.82 -7.66 26.09
N ALA A 28 -4.75 -8.50 26.52
CA ALA A 28 -5.41 -8.36 27.83
C ALA A 28 -5.05 -9.51 28.79
N GLN A 29 -4.85 -10.70 28.23
CA GLN A 29 -4.46 -11.89 28.97
C GLN A 29 -3.50 -12.73 28.12
N ASP A 30 -2.74 -13.61 28.77
CA ASP A 30 -1.69 -14.37 28.11
C ASP A 30 -2.18 -15.08 26.84
N LYS A 31 -1.50 -14.80 25.72
CA LYS A 31 -1.69 -15.54 24.48
C LYS A 31 -3.16 -15.48 24.03
N ASP A 32 -3.74 -14.30 24.12
CA ASP A 32 -5.14 -14.09 23.68
C ASP A 32 -5.29 -13.79 22.19
N SER A 33 -4.18 -13.78 21.43
CA SER A 33 -4.27 -13.34 20.05
C SER A 33 -3.11 -13.86 19.19
N LYS A 34 -3.36 -13.93 17.87
CA LYS A 34 -2.32 -14.11 16.87
C LYS A 34 -2.16 -12.82 16.08
N LEU A 35 -1.01 -12.18 16.25
CA LEU A 35 -0.59 -11.12 15.37
C LEU A 35 0.24 -11.74 14.25
N THR A 36 -0.25 -11.60 13.01
CA THR A 36 0.49 -12.06 11.85
C THR A 36 1.16 -10.85 11.25
N LEU A 37 2.49 -10.79 11.36
CA LEU A 37 3.25 -9.64 10.88
C LEU A 37 4.42 -10.13 10.08
N VAL A 38 4.57 -9.57 8.88
CA VAL A 38 5.62 -9.94 7.94
C VAL A 38 6.32 -8.65 7.51
N LEU A 39 7.62 -8.58 7.78
CA LEU A 39 8.48 -7.46 7.40
C LEU A 39 9.49 -7.94 6.39
N THR A 40 9.43 -7.36 5.19
CA THR A 40 10.31 -7.71 4.10
C THR A 40 11.17 -6.51 3.74
N LYS A 41 12.49 -6.70 3.79
CA LYS A 41 13.40 -5.59 3.47
C LYS A 41 13.59 -5.42 1.97
N CYS A 42 13.09 -4.30 1.46
CA CYS A 42 13.33 -3.83 0.12
CA CYS A 42 13.38 -3.85 0.10
C CYS A 42 14.26 -2.60 0.20
N GLY A 43 15.52 -2.84 0.52
CA GLY A 43 16.49 -1.77 0.68
C GLY A 43 16.09 -0.78 1.74
N SER A 44 15.97 0.47 1.32
CA SER A 44 15.69 1.57 2.23
C SER A 44 14.28 1.56 2.85
N GLN A 45 13.39 0.70 2.35
CA GLN A 45 12.08 0.58 2.91
C GLN A 45 11.80 -0.85 3.33
N ILE A 46 11.02 -0.96 4.42
CA ILE A 46 10.46 -2.23 4.86
C ILE A 46 9.01 -2.29 4.41
N LEU A 47 8.67 -3.34 3.70
CA LEU A 47 7.32 -3.63 3.24
C LEU A 47 6.69 -4.52 4.29
N ALA A 48 5.62 -4.01 4.90
CA ALA A 48 4.97 -4.66 6.04
C ALA A 48 3.56 -5.13 5.71
N ASN A 49 3.21 -6.32 6.18
CA ASN A 49 1.90 -6.91 6.00
C ASN A 49 1.42 -7.42 7.36
N VAL A 50 0.23 -6.98 7.77
CA VAL A 50 -0.29 -7.23 9.12
C VAL A 50 -1.77 -7.62 9.15
N SER A 51 -2.11 -8.52 10.06
CA SER A 51 -3.46 -8.83 10.44
C SER A 51 -3.49 -9.31 11.87
N LEU A 52 -4.70 -9.41 12.43
CA LEU A 52 -4.86 -9.79 13.83
C LEU A 52 -6.08 -10.70 14.02
N ILE A 53 -5.86 -11.77 14.78
CA ILE A 53 -6.93 -12.63 15.25
C ILE A 53 -6.91 -12.60 16.78
N VAL A 54 -7.96 -12.11 17.43
CA VAL A 54 -8.09 -12.25 18.89
C VAL A 54 -8.91 -13.51 19.14
N VAL A 55 -8.43 -14.38 20.03
CA VAL A 55 -9.06 -15.68 20.28
C VAL A 55 -9.69 -15.83 21.68
N ALA A 56 -9.37 -14.93 22.59
CA ALA A 56 -9.86 -15.05 23.94
C ALA A 56 -9.78 -13.71 24.62
N GLY A 57 -10.43 -13.63 25.77
CA GLY A 57 -10.34 -12.45 26.60
C GLY A 57 -11.22 -11.30 26.18
N LYS A 58 -10.94 -10.19 26.82
CA LYS A 58 -11.69 -8.94 26.75
C LYS A 58 -11.99 -8.46 25.32
N TYR A 59 -11.02 -8.66 24.42
CA TYR A 59 -11.15 -8.14 23.07
C TYR A 59 -11.58 -9.17 22.00
N HIS A 60 -11.96 -10.37 22.45
CA HIS A 60 -12.36 -11.44 21.53
C HIS A 60 -13.69 -11.14 20.86
N ILE A 61 -14.72 -10.92 21.68
CA ILE A 61 -16.08 -10.70 21.16
C ILE A 61 -16.50 -9.31 21.64
N ILE A 62 -16.69 -8.40 20.70
CA ILE A 62 -16.99 -7.00 21.04
C ILE A 62 -18.51 -6.78 21.12
N ASN A 63 -18.98 -6.25 22.23
CA ASN A 63 -20.38 -5.83 22.34
C ASN A 63 -20.43 -4.44 22.97
N ASN A 64 -20.62 -3.46 22.10
CA ASN A 64 -20.66 -2.03 22.48
C ASN A 64 -22.07 -1.57 22.87
N LYS A 65 -23.06 -2.46 22.86
CA LYS A 65 -24.35 -2.13 23.46
C LYS A 65 -24.21 -2.37 24.97
N THR A 66 -23.58 -3.48 25.35
CA THR A 66 -23.40 -3.78 26.78
C THR A 66 -22.14 -3.10 27.35
N ASN A 67 -21.12 -2.90 26.50
CA ASN A 67 -19.85 -2.29 26.91
C ASN A 67 -19.43 -1.18 25.94
N PRO A 68 -20.14 -0.04 25.99
CA PRO A 68 -19.86 0.99 24.97
C PRO A 68 -18.47 1.62 25.03
N LYS A 69 -17.79 1.50 26.16
CA LYS A 69 -16.50 2.15 26.31
C LYS A 69 -15.33 1.27 25.81
N ILE A 70 -15.58 0.01 25.45
CA ILE A 70 -14.54 -0.86 24.93
C ILE A 70 -14.42 -0.58 23.43
N LYS A 71 -13.46 0.29 23.08
CA LYS A 71 -13.37 0.87 21.73
C LYS A 71 -11.99 0.84 21.13
N SER A 72 -10.98 0.39 21.89
CA SER A 72 -9.61 0.41 21.41
C SER A 72 -8.68 -0.45 22.24
N PHE A 73 -7.57 -0.86 21.62
CA PHE A 73 -6.48 -1.52 22.34
C PHE A 73 -5.16 -1.39 21.57
N THR A 74 -4.04 -1.72 22.23
CA THR A 74 -2.70 -1.48 21.68
C THR A 74 -1.80 -2.73 21.81
N ILE A 75 -1.03 -2.95 20.75
CA ILE A 75 -0.05 -4.03 20.68
C ILE A 75 1.27 -3.37 20.35
N LYS A 76 2.25 -3.60 21.22
CA LYS A 76 3.56 -2.95 21.11
C LYS A 76 4.66 -3.96 20.83
N LEU A 77 5.52 -3.58 19.89
CA LEU A 77 6.76 -4.28 19.60
C LEU A 77 7.91 -3.32 19.94
N LEU A 78 8.68 -3.70 20.96
CA LEU A 78 9.83 -2.93 21.44
C LEU A 78 11.11 -3.66 21.06
N PHE A 79 12.10 -2.90 20.58
CA PHE A 79 13.37 -3.47 20.11
C PHE A 79 14.55 -2.78 20.76
N ASN A 80 15.61 -3.53 20.97
CA ASN A 80 16.84 -2.94 21.50
C ASN A 80 17.74 -2.39 20.39
N LYS A 81 18.96 -2.03 20.74
CA LYS A 81 19.88 -1.40 19.78
C LYS A 81 20.23 -2.29 18.58
N ASN A 82 20.08 -3.61 18.74
CA ASN A 82 20.35 -4.56 17.68
C ASN A 82 19.13 -5.03 16.90
N GLY A 83 17.97 -4.43 17.16
CA GLY A 83 16.73 -4.81 16.47
C GLY A 83 16.09 -6.09 17.01
N VAL A 84 16.55 -6.51 18.20
CA VAL A 84 16.04 -7.70 18.87
C VAL A 84 14.81 -7.33 19.68
N LEU A 85 13.78 -8.17 19.56
CA LEU A 85 12.50 -7.94 20.23
C LEU A 85 12.65 -8.14 21.72
N LEU A 86 12.14 -7.17 22.49
CA LEU A 86 12.20 -7.22 23.94
C LEU A 86 11.03 -8.01 24.50
N ASP A 87 11.32 -8.71 25.58
CA ASP A 87 10.41 -9.65 26.26
C ASP A 87 9.12 -9.01 26.77
N ASN A 88 9.15 -7.72 27.07
CA ASN A 88 7.96 -7.02 27.54
C ASN A 88 7.05 -6.44 26.43
N SER A 89 7.36 -6.78 25.17
CA SER A 89 6.46 -6.52 24.06
C SER A 89 5.18 -7.37 24.22
N ASN A 90 4.10 -6.95 23.58
CA ASN A 90 2.87 -7.77 23.58
C ASN A 90 3.07 -9.03 22.74
N LEU A 91 3.89 -8.90 21.70
CA LEU A 91 4.30 -10.03 20.87
C LEU A 91 5.36 -10.86 21.58
N GLY A 92 5.17 -12.18 21.57
CA GLY A 92 6.10 -13.11 22.18
C GLY A 92 7.33 -13.30 21.30
N LYS A 93 8.48 -13.52 21.96
CA LYS A 93 9.76 -13.66 21.25
C LYS A 93 9.94 -14.99 20.52
N ALA A 94 9.22 -16.03 20.96
CA ALA A 94 9.54 -17.38 20.55
C ALA A 94 9.50 -17.65 19.04
N TYR A 95 8.52 -17.07 18.35
CA TYR A 95 8.34 -17.29 16.90
C TYR A 95 8.43 -16.03 16.06
N TRP A 96 9.14 -15.02 16.59
CA TRP A 96 9.48 -13.82 15.83
C TRP A 96 10.93 -13.94 15.42
N ASN A 97 11.13 -14.20 14.14
CA ASN A 97 12.47 -14.51 13.62
C ASN A 97 12.48 -14.43 12.10
N PHE A 98 13.65 -14.60 11.52
CA PHE A 98 13.82 -14.67 10.08
C PHE A 98 13.18 -15.96 9.53
N ARG A 99 12.56 -15.82 8.37
CA ARG A 99 11.79 -16.89 7.73
C ARG A 99 12.69 -18.02 7.21
N SER A 100 12.17 -19.23 7.30
CA SER A 100 12.70 -20.40 6.63
C SER A 100 11.49 -21.28 6.29
N GLY A 101 11.14 -21.36 5.02
CA GLY A 101 9.91 -22.05 4.59
C GLY A 101 8.68 -21.40 5.20
N ASN A 102 7.77 -22.21 5.75
CA ASN A 102 6.64 -21.68 6.48
C ASN A 102 6.91 -21.58 7.98
N SER A 103 8.19 -21.63 8.34
CA SER A 103 8.62 -21.57 9.73
C SER A 103 9.74 -20.53 9.86
N ASN A 104 10.60 -20.72 10.86
CA ASN A 104 11.70 -19.80 11.09
C ASN A 104 13.05 -20.48 11.04
N VAL A 105 14.10 -19.68 10.88
CA VAL A 105 15.45 -20.17 11.08
C VAL A 105 15.55 -20.75 12.49
N SER A 106 16.45 -21.68 12.68
CA SER A 106 16.56 -22.46 13.93
C SER A 106 17.33 -21.76 15.03
N THR A 107 17.92 -20.61 14.69
CA THR A 107 18.68 -19.79 15.63
C THR A 107 17.99 -18.42 15.78
N ALA A 108 17.72 -17.99 17.02
CA ALA A 108 17.21 -16.65 17.28
C ALA A 108 18.19 -15.60 16.75
N TYR A 109 17.69 -14.64 16.01
CA TYR A 109 18.55 -13.65 15.38
C TYR A 109 19.19 -12.72 16.40
N GLU A 110 20.39 -12.25 16.07
CA GLU A 110 21.11 -11.34 16.97
C GLU A 110 21.09 -9.90 16.48
N LYS A 111 20.88 -9.70 15.17
CA LYS A 111 20.91 -8.36 14.58
C LYS A 111 19.85 -8.24 13.49
N ALA A 112 19.11 -7.13 13.51
CA ALA A 112 18.13 -6.84 12.48
C ALA A 112 17.96 -5.33 12.38
N ILE A 113 19.08 -4.59 12.48
CA ILE A 113 19.00 -3.12 12.48
C ILE A 113 18.44 -2.60 11.16
N GLY A 114 18.69 -3.32 10.08
CA GLY A 114 18.16 -2.95 8.77
C GLY A 114 16.64 -3.08 8.64
N PHE A 115 15.98 -3.73 9.62
CA PHE A 115 14.51 -3.81 9.67
C PHE A 115 13.88 -2.80 10.62
N MET A 116 14.71 -2.00 11.30
CA MET A 116 14.20 -1.06 12.30
C MET A 116 13.73 0.27 11.67
N PRO A 117 12.74 0.92 12.28
CA PRO A 117 12.28 2.20 11.73
C PRO A 117 13.35 3.30 11.93
N ASN A 118 13.62 4.03 10.86
CA ASN A 118 14.66 5.05 10.80
C ASN A 118 14.44 6.12 11.87
N LEU A 119 15.46 6.38 12.66
CA LEU A 119 15.35 7.28 13.81
C LEU A 119 15.35 8.77 13.42
N VAL A 120 15.93 9.12 12.27
CA VAL A 120 15.83 10.50 11.78
C VAL A 120 14.43 10.75 11.26
N ALA A 121 13.89 9.80 10.48
CA ALA A 121 12.52 9.91 10.00
C ALA A 121 11.54 9.90 11.17
N TYR A 122 11.82 9.03 12.14
CA TYR A 122 10.89 8.74 13.22
C TYR A 122 11.64 8.81 14.56
N PRO A 123 11.87 10.03 15.07
CA PRO A 123 12.66 10.13 16.32
C PRO A 123 11.94 9.62 17.56
N LYS A 124 12.71 9.22 18.57
CA LYS A 124 12.15 8.84 19.86
C LYS A 124 11.49 10.03 20.51
N PRO A 125 10.59 9.76 21.47
CA PRO A 125 9.99 10.87 22.21
C PRO A 125 11.04 11.78 22.82
N SER A 126 10.77 13.06 22.77
CA SER A 126 11.65 14.05 23.35
C SER A 126 10.88 15.30 23.66
N ASN A 127 11.59 16.41 23.89
CA ASN A 127 10.93 17.69 24.02
C ASN A 127 10.87 18.43 22.68
N SER A 128 11.42 17.82 21.61
CA SER A 128 11.29 18.38 20.25
C SER A 128 9.89 18.13 19.71
N LYS A 129 9.53 18.87 18.67
CA LYS A 129 8.19 18.76 18.08
C LYS A 129 7.94 17.34 17.60
N LYS A 130 6.76 16.82 17.89
CA LYS A 130 6.44 15.50 17.43
C LYS A 130 5.71 15.68 16.09
N TYR A 131 6.33 15.24 15.00
CA TYR A 131 5.68 15.27 13.67
C TYR A 131 4.88 14.00 13.41
N ALA A 132 3.84 14.13 12.60
CA ALA A 132 2.90 13.05 12.35
C ALA A 132 3.45 12.01 11.36
N ARG A 133 4.59 12.30 10.75
CA ARG A 133 5.01 11.36 9.72
C ARG A 133 5.45 10.00 10.28
N ASP A 134 5.63 9.90 11.62
CA ASP A 134 5.89 8.60 12.26
C ASP A 134 4.62 7.73 12.45
N ILE A 135 3.49 8.14 11.87
CA ILE A 135 2.23 7.40 11.92
C ILE A 135 1.81 7.00 10.50
N VAL A 136 1.27 5.78 10.38
CA VAL A 136 0.54 5.33 9.20
C VAL A 136 -0.85 4.88 9.66
N TYR A 137 -1.90 5.46 9.05
CA TYR A 137 -3.27 5.03 9.28
C TYR A 137 -3.74 4.06 8.19
N GLY A 138 -4.48 3.04 8.61
CA GLY A 138 -5.21 2.15 7.71
C GLY A 138 -6.50 1.70 8.33
N THR A 139 -7.31 1.01 7.53
CA THR A 139 -8.57 0.44 8.00
C THR A 139 -8.59 -1.02 7.58
N ILE A 140 -8.94 -1.88 8.53
CA ILE A 140 -9.16 -3.31 8.23
C ILE A 140 -10.61 -3.63 8.57
N TYR A 141 -11.05 -4.84 8.25
CA TYR A 141 -12.48 -5.18 8.36
C TYR A 141 -12.64 -6.47 9.16
N LEU A 142 -13.49 -6.41 10.17
CA LEU A 142 -13.73 -7.55 11.06
C LEU A 142 -14.53 -8.62 10.36
N GLY A 143 -14.09 -9.86 10.44
CA GLY A 143 -14.82 -10.94 9.82
C GLY A 143 -14.88 -10.90 8.30
N GLY A 144 -14.04 -10.04 7.71
CA GLY A 144 -14.07 -9.86 6.26
C GLY A 144 -15.29 -9.15 5.74
N LYS A 145 -16.07 -8.53 6.63
CA LYS A 145 -17.33 -7.88 6.24
C LYS A 145 -17.07 -6.39 5.97
N PRO A 146 -17.55 -5.89 4.81
CA PRO A 146 -17.24 -4.50 4.42
C PRO A 146 -17.91 -3.46 5.29
N ASP A 147 -18.91 -3.86 6.09
CA ASP A 147 -19.58 -2.94 7.01
C ASP A 147 -19.03 -3.04 8.44
N GLN A 148 -17.84 -3.63 8.60
CA GLN A 148 -17.22 -3.75 9.92
C GLN A 148 -15.79 -3.21 9.96
N PRO A 149 -15.64 -1.91 9.67
CA PRO A 149 -14.29 -1.30 9.71
C PRO A 149 -13.73 -1.16 11.13
N ALA A 150 -12.42 -1.26 11.24
CA ALA A 150 -11.70 -0.83 12.42
C ALA A 150 -10.41 -0.18 11.97
N VAL A 151 -10.01 0.85 12.68
CA VAL A 151 -8.81 1.59 12.35
C VAL A 151 -7.58 0.90 12.92
N ILE A 152 -6.57 0.71 12.05
CA ILE A 152 -5.25 0.29 12.50
C ILE A 152 -4.28 1.46 12.34
N LYS A 153 -3.83 1.97 13.49
CA LYS A 153 -2.89 3.06 13.54
C LYS A 153 -1.56 2.49 13.93
N THR A 154 -0.55 2.71 13.08
CA THR A 154 0.77 2.20 13.31
C THR A 154 1.71 3.38 13.56
N THR A 155 2.45 3.33 14.67
CA THR A 155 3.36 4.42 15.06
C THR A 155 4.77 3.86 15.27
N PHE A 156 5.78 4.56 14.73
CA PHE A 156 7.18 4.15 14.82
C PHE A 156 7.93 4.94 15.86
N ASN A 157 8.68 4.20 16.70
CA ASN A 157 9.64 4.78 17.65
C ASN A 157 9.05 5.78 18.63
N GLN A 158 7.85 5.52 19.12
CA GLN A 158 7.27 6.41 20.15
C GLN A 158 7.18 5.79 21.54
N GLU A 159 7.69 4.56 21.72
CA GLU A 159 7.74 3.94 23.02
C GLU A 159 9.06 4.23 23.72
N THR A 160 9.02 4.23 25.04
CA THR A 160 10.22 4.38 25.85
C THR A 160 10.73 3.00 26.28
N GLY A 161 11.91 2.98 26.89
CA GLY A 161 12.49 1.72 27.34
C GLY A 161 12.90 0.80 26.21
N CYS A 162 13.28 1.39 25.08
CA CYS A 162 13.72 0.64 23.91
C CYS A 162 14.46 1.60 23.03
N GLU A 163 15.15 1.10 22.01
CA GLU A 163 15.79 1.97 21.02
C GLU A 163 14.90 2.17 19.78
N TYR A 164 14.03 1.21 19.49
CA TYR A 164 13.10 1.28 18.37
C TYR A 164 11.78 0.65 18.80
N SER A 165 10.69 1.00 18.12
CA SER A 165 9.40 0.39 18.41
C SER A 165 8.45 0.49 17.22
N ILE A 166 7.54 -0.47 17.15
CA ILE A 166 6.39 -0.41 16.26
C ILE A 166 5.18 -0.71 17.12
N THR A 167 4.21 0.20 17.10
CA THR A 167 2.99 -0.02 17.86
CA THR A 167 3.00 0.10 17.89
C THR A 167 1.77 0.05 16.98
N PHE A 168 0.87 -0.90 17.24
CA PHE A 168 -0.39 -0.99 16.54
C PHE A 168 -1.53 -0.66 17.50
N ASN A 169 -2.23 0.43 17.22
CA ASN A 169 -3.45 0.75 17.93
C ASN A 169 -4.64 0.45 17.06
N PHE A 170 -5.51 -0.40 17.58
CA PHE A 170 -6.77 -0.79 16.94
C PHE A 170 -7.90 -0.07 17.62
N SER A 171 -8.77 0.56 16.84
CA SER A 171 -9.89 1.28 17.41
C SER A 171 -11.06 1.22 16.45
N TRP A 172 -12.25 1.49 16.96
CA TRP A 172 -13.45 1.53 16.12
C TRP A 172 -14.46 2.46 16.67
N SER A 173 -15.30 2.97 15.78
CA SER A 173 -16.32 3.93 16.15
C SER A 173 -17.74 3.38 15.94
N LYS A 174 -17.88 2.25 15.25
CA LYS A 174 -19.17 1.59 15.14
C LYS A 174 -19.54 0.91 16.45
N THR A 175 -20.83 0.75 16.65
CA THR A 175 -21.36 0.09 17.82
C THR A 175 -21.59 -1.40 17.50
N TYR A 176 -20.56 -2.20 17.70
CA TYR A 176 -20.60 -3.60 17.31
C TYR A 176 -21.34 -4.43 18.35
N GLU A 177 -22.05 -5.44 17.88
CA GLU A 177 -22.84 -6.28 18.78
C GLU A 177 -22.42 -7.72 18.63
N ASN A 178 -21.60 -8.20 19.55
CA ASN A 178 -21.08 -9.56 19.54
C ASN A 178 -20.33 -9.90 18.26
N VAL A 179 -19.37 -9.05 17.95
CA VAL A 179 -18.55 -9.19 16.75
C VAL A 179 -17.15 -9.70 17.13
N GLU A 180 -16.73 -10.78 16.49
CA GLU A 180 -15.42 -11.41 16.75
C GLU A 180 -14.33 -10.55 16.14
N PHE A 181 -13.32 -10.21 16.95
CA PHE A 181 -12.24 -9.37 16.48
C PHE A 181 -11.14 -10.19 15.78
N GLU A 182 -11.35 -10.42 14.49
CA GLU A 182 -10.37 -11.05 13.64
C GLU A 182 -10.48 -10.36 12.28
N THR A 183 -9.32 -10.01 11.71
CA THR A 183 -9.27 -8.95 10.70
C THR A 183 -8.78 -9.39 9.33
N THR A 184 -9.14 -8.57 8.36
CA THR A 184 -8.48 -8.61 7.07
C THR A 184 -7.05 -8.08 7.20
N SER A 185 -6.29 -8.17 6.10
CA SER A 185 -4.88 -7.78 6.09
C SER A 185 -4.67 -6.41 5.51
N PHE A 186 -3.63 -5.76 6.00
CA PHE A 186 -3.21 -4.42 5.57
C PHE A 186 -1.70 -4.38 5.31
N THR A 187 -1.32 -3.68 4.22
CA THR A 187 0.05 -3.47 3.83
C THR A 187 0.44 -2.01 3.94
N PHE A 188 1.64 -1.77 4.44
CA PHE A 188 2.23 -0.44 4.55
C PHE A 188 3.75 -0.57 4.38
N SER A 189 4.45 0.54 4.41
CA SER A 189 5.90 0.51 4.45
C SER A 189 6.41 1.55 5.40
N TYR A 190 7.70 1.45 5.71
CA TYR A 190 8.36 2.50 6.47
C TYR A 190 9.84 2.58 6.07
N ILE A 191 10.45 3.71 6.38
CA ILE A 191 11.84 3.96 6.08
C ILE A 191 12.72 3.22 7.07
N ALA A 192 13.67 2.45 6.51
CA ALA A 192 14.58 1.62 7.30
C ALA A 192 15.74 2.41 7.90
N GLN A 193 16.17 2.00 9.09
CA GLN A 193 17.29 2.64 9.81
C GLN A 193 18.63 2.61 9.03
N GLU A 194 18.90 1.48 8.39
CA GLU A 194 20.07 1.35 7.55
C GLU A 194 19.80 0.34 6.45
N TYR B 10 14.63 -10.52 -19.93
CA TYR B 10 13.68 -11.46 -19.23
C TYR B 10 13.67 -11.19 -17.72
N ASP B 11 12.57 -10.68 -17.21
CA ASP B 11 12.47 -10.31 -15.81
C ASP B 11 11.70 -11.39 -15.02
N THR B 12 12.46 -12.28 -14.37
CA THR B 12 11.84 -13.40 -13.62
CA THR B 12 11.91 -13.41 -13.58
C THR B 12 11.25 -12.97 -12.26
N ARG B 13 11.41 -11.71 -11.88
CA ARG B 13 10.85 -11.20 -10.61
C ARG B 13 9.48 -10.52 -10.81
N THR B 14 8.97 -10.49 -12.04
CA THR B 14 7.67 -9.89 -12.33
C THR B 14 6.80 -10.74 -13.25
N LEU B 15 5.61 -11.07 -12.75
CA LEU B 15 4.53 -11.63 -13.56
C LEU B 15 3.56 -10.52 -13.81
N TRP B 16 3.14 -10.35 -15.06
CA TRP B 16 2.20 -9.28 -15.35
C TRP B 16 1.38 -9.53 -16.59
N THR B 17 0.45 -8.60 -16.80
CA THR B 17 -0.46 -8.61 -17.94
C THR B 17 0.03 -7.77 -19.13
N THR B 18 1.24 -7.21 -18.99
CA THR B 18 1.72 -6.06 -19.78
C THR B 18 0.93 -4.79 -19.37
N PRO B 19 1.54 -3.61 -19.57
CA PRO B 19 0.90 -2.37 -19.22
C PRO B 19 0.05 -1.72 -20.33
N ASP B 20 -0.19 -2.41 -21.45
CA ASP B 20 -0.95 -1.81 -22.54
C ASP B 20 -2.46 -1.81 -22.18
N THR B 21 -3.30 -1.32 -23.09
CA THR B 21 -4.74 -1.29 -22.82
C THR B 21 -5.52 -2.30 -23.69
N SER B 22 -4.82 -3.29 -24.23
CA SER B 22 -5.47 -4.34 -25.04
CA SER B 22 -5.48 -4.33 -25.04
C SER B 22 -6.32 -5.25 -24.15
N PRO B 23 -7.64 -5.35 -24.43
CA PRO B 23 -8.44 -6.22 -23.53
C PRO B 23 -7.91 -7.67 -23.41
N ASN B 24 -7.91 -8.15 -22.16
CA ASN B 24 -7.34 -9.43 -21.78
C ASN B 24 -8.22 -10.22 -20.82
N CYS B 25 -9.45 -9.75 -20.62
CA CYS B 25 -10.26 -10.21 -19.50
C CYS B 25 -11.74 -10.27 -19.91
N THR B 26 -12.43 -11.28 -19.41
CA THR B 26 -13.80 -11.54 -19.74
C THR B 26 -14.61 -11.53 -18.46
N ILE B 27 -15.40 -10.47 -18.26
CA ILE B 27 -16.24 -10.35 -17.06
C ILE B 27 -17.65 -10.87 -17.40
N ALA B 28 -18.27 -10.26 -18.42
CA ALA B 28 -19.62 -10.62 -18.86
C ALA B 28 -19.64 -11.10 -20.30
N GLN B 29 -18.71 -10.61 -21.14
CA GLN B 29 -18.58 -11.09 -22.51
C GLN B 29 -17.12 -11.06 -22.92
N ASP B 30 -16.79 -11.81 -23.96
CA ASP B 30 -15.40 -12.01 -24.35
C ASP B 30 -14.62 -10.70 -24.50
N LYS B 31 -13.49 -10.65 -23.78
CA LYS B 31 -12.54 -9.54 -23.85
CA LYS B 31 -12.55 -9.53 -23.88
C LYS B 31 -13.24 -8.18 -23.71
N ASP B 32 -14.07 -8.09 -22.66
CA ASP B 32 -14.77 -6.83 -22.37
C ASP B 32 -13.96 -5.87 -21.50
N SER B 33 -12.72 -6.25 -21.14
CA SER B 33 -11.98 -5.48 -20.18
C SER B 33 -10.46 -5.74 -20.24
N LYS B 34 -9.73 -4.76 -19.73
CA LYS B 34 -8.30 -4.87 -19.49
C LYS B 34 -8.07 -4.82 -17.99
N LEU B 35 -7.68 -5.96 -17.44
CA LEU B 35 -7.14 -6.04 -16.10
C LEU B 35 -5.65 -5.78 -16.19
N THR B 36 -5.17 -4.69 -15.59
CA THR B 36 -3.74 -4.45 -15.53
C THR B 36 -3.29 -4.92 -14.15
N LEU B 37 -2.49 -5.97 -14.12
CA LEU B 37 -2.03 -6.56 -12.88
C LEU B 37 -0.54 -6.85 -12.97
N VAL B 38 0.18 -6.34 -11.99
CA VAL B 38 1.62 -6.53 -11.90
C VAL B 38 1.92 -7.13 -10.51
N LEU B 39 2.58 -8.28 -10.53
CA LEU B 39 3.03 -8.97 -9.32
C LEU B 39 4.53 -8.96 -9.34
N THR B 40 5.11 -8.27 -8.37
CA THR B 40 6.55 -8.16 -8.26
C THR B 40 7.02 -8.88 -7.00
N LYS B 41 7.92 -9.83 -7.18
CA LYS B 41 8.37 -10.63 -6.09
C LYS B 41 9.47 -9.91 -5.30
N CYS B 42 9.10 -9.52 -4.08
CA CYS B 42 10.03 -9.02 -3.09
CA CYS B 42 10.02 -9.01 -3.08
C CYS B 42 10.18 -10.11 -2.03
N GLY B 43 10.82 -11.20 -2.42
CA GLY B 43 11.04 -12.33 -1.56
C GLY B 43 9.77 -12.96 -1.05
N SER B 44 9.61 -12.97 0.27
CA SER B 44 8.46 -13.61 0.94
C SER B 44 7.14 -12.87 0.75
N GLN B 45 7.18 -11.66 0.20
CA GLN B 45 5.96 -10.93 -0.16
C GLN B 45 5.92 -10.61 -1.63
N ILE B 46 4.72 -10.71 -2.18
CA ILE B 46 4.43 -10.21 -3.51
C ILE B 46 3.82 -8.83 -3.38
N LEU B 47 4.42 -7.86 -4.07
CA LEU B 47 3.90 -6.49 -4.16
C LEU B 47 3.04 -6.42 -5.43
N ALA B 48 1.76 -6.13 -5.26
CA ALA B 48 0.77 -6.20 -6.32
C ALA B 48 0.22 -4.84 -6.63
N ASN B 49 0.02 -4.57 -7.92
CA ASN B 49 -0.54 -3.31 -8.39
C ASN B 49 -1.61 -3.65 -9.40
N VAL B 50 -2.81 -3.11 -9.22
CA VAL B 50 -3.94 -3.49 -10.04
C VAL B 50 -4.80 -2.28 -10.42
N SER B 51 -5.33 -2.35 -11.64
CA SER B 51 -6.41 -1.46 -12.10
C SER B 51 -7.27 -2.21 -13.12
N LEU B 52 -8.43 -1.64 -13.43
CA LEU B 52 -9.36 -2.26 -14.37
C LEU B 52 -9.96 -1.22 -15.30
N ILE B 53 -10.00 -1.54 -16.58
CA ILE B 53 -10.71 -0.75 -17.59
C ILE B 53 -11.74 -1.67 -18.24
N VAL B 54 -13.00 -1.34 -18.10
CA VAL B 54 -14.03 -2.07 -18.83
C VAL B 54 -14.30 -1.30 -20.14
N VAL B 55 -14.31 -2.02 -21.26
CA VAL B 55 -14.46 -1.39 -22.59
C VAL B 55 -15.80 -1.66 -23.29
N ALA B 56 -16.52 -2.69 -22.84
CA ALA B 56 -17.76 -3.10 -23.52
C ALA B 56 -18.60 -3.95 -22.60
N GLY B 57 -19.85 -4.16 -23.01
CA GLY B 57 -20.77 -5.06 -22.33
C GLY B 57 -21.41 -4.49 -21.08
N LYS B 58 -21.99 -5.40 -20.31
CA LYS B 58 -22.81 -5.10 -19.16
C LYS B 58 -22.18 -4.14 -18.13
N TYR B 59 -20.88 -4.25 -17.92
CA TYR B 59 -20.20 -3.48 -16.88
C TYR B 59 -19.43 -2.25 -17.41
N HIS B 60 -19.58 -1.93 -18.68
CA HIS B 60 -18.88 -0.79 -19.27
C HIS B 60 -19.44 0.52 -18.77
N ILE B 61 -20.74 0.73 -18.94
CA ILE B 61 -21.41 1.97 -18.53
C ILE B 61 -22.43 1.61 -17.48
N ILE B 62 -22.20 2.07 -16.26
CA ILE B 62 -23.09 1.75 -15.14
C ILE B 62 -24.22 2.78 -15.08
N ASN B 63 -25.46 2.29 -15.11
CA ASN B 63 -26.61 3.14 -14.85
C ASN B 63 -27.59 2.41 -13.94
N ASN B 64 -27.52 2.74 -12.67
CA ASN B 64 -28.32 2.12 -11.64
C ASN B 64 -29.72 2.71 -11.49
N LYS B 65 -30.01 3.78 -12.22
CA LYS B 65 -31.40 4.20 -12.40
C LYS B 65 -32.09 3.21 -13.32
N THR B 66 -31.41 2.87 -14.41
CA THR B 66 -31.93 1.94 -15.41
C THR B 66 -31.90 0.51 -14.90
N ASN B 67 -30.77 0.15 -14.27
CA ASN B 67 -30.47 -1.21 -13.82
C ASN B 67 -30.02 -1.18 -12.35
N PRO B 68 -30.99 -1.06 -11.43
CA PRO B 68 -30.61 -0.90 -10.00
C PRO B 68 -29.93 -2.11 -9.36
N LYS B 69 -30.00 -3.28 -10.00
CA LYS B 69 -29.38 -4.50 -9.45
C LYS B 69 -27.94 -4.73 -9.87
N ILE B 70 -27.44 -3.96 -10.85
CA ILE B 70 -26.05 -4.12 -11.28
C ILE B 70 -25.17 -3.36 -10.28
N LYS B 71 -24.59 -4.08 -9.31
CA LYS B 71 -23.90 -3.49 -8.18
C LYS B 71 -22.53 -4.10 -7.91
N SER B 72 -22.17 -5.19 -8.62
CA SER B 72 -20.94 -5.89 -8.36
C SER B 72 -20.61 -6.93 -9.43
N PHE B 73 -19.32 -7.30 -9.48
CA PHE B 73 -18.83 -8.38 -10.33
C PHE B 73 -17.49 -8.91 -9.84
N THR B 74 -17.12 -10.08 -10.32
CA THR B 74 -15.89 -10.75 -9.87
C THR B 74 -14.99 -11.20 -11.04
N ILE B 75 -13.69 -10.97 -10.86
CA ILE B 75 -12.66 -11.42 -11.78
C ILE B 75 -11.82 -12.44 -11.01
N LYS B 76 -11.75 -13.65 -11.54
CA LYS B 76 -11.02 -14.77 -10.90
C LYS B 76 -9.76 -15.18 -11.67
N LEU B 77 -8.66 -15.30 -10.93
CA LEU B 77 -7.44 -15.91 -11.42
C LEU B 77 -7.23 -17.21 -10.66
N LEU B 78 -7.27 -18.33 -11.39
CA LEU B 78 -7.11 -19.67 -10.81
C LEU B 78 -5.80 -20.26 -11.31
N PHE B 79 -5.07 -20.91 -10.41
CA PHE B 79 -3.75 -21.42 -10.72
C PHE B 79 -3.62 -22.89 -10.32
N ASN B 80 -2.85 -23.65 -11.09
CA ASN B 80 -2.56 -25.04 -10.75
C ASN B 80 -1.36 -25.13 -9.80
N LYS B 81 -0.90 -26.35 -9.55
CA LYS B 81 0.18 -26.61 -8.58
C LYS B 81 1.49 -25.91 -8.90
N ASN B 82 1.72 -25.65 -10.19
CA ASN B 82 2.93 -24.98 -10.63
C ASN B 82 2.79 -23.45 -10.74
N GLY B 83 1.65 -22.91 -10.31
CA GLY B 83 1.40 -21.49 -10.46
C GLY B 83 0.98 -21.04 -11.85
N VAL B 84 0.59 -21.99 -12.71
CA VAL B 84 0.14 -21.69 -14.08
C VAL B 84 -1.36 -21.35 -14.09
N LEU B 85 -1.73 -20.32 -14.85
CA LEU B 85 -3.10 -19.84 -14.88
C LEU B 85 -4.00 -20.83 -15.61
N LEU B 86 -5.11 -21.21 -14.97
CA LEU B 86 -6.06 -22.14 -15.58
C LEU B 86 -6.93 -21.38 -16.56
N ASP B 87 -7.34 -22.04 -17.65
CA ASP B 87 -8.09 -21.32 -18.70
C ASP B 87 -9.54 -20.97 -18.33
N ASN B 88 -10.05 -21.47 -17.19
CA ASN B 88 -11.36 -20.99 -16.72
C ASN B 88 -11.29 -19.70 -15.91
N SER B 89 -10.10 -19.13 -15.76
CA SER B 89 -9.94 -17.78 -15.18
C SER B 89 -10.60 -16.75 -16.07
N ASN B 90 -11.03 -15.62 -15.49
CA ASN B 90 -11.57 -14.50 -16.29
C ASN B 90 -10.47 -13.85 -17.10
N LEU B 91 -9.27 -13.82 -16.54
CA LEU B 91 -8.07 -13.35 -17.25
C LEU B 91 -7.59 -14.40 -18.26
N GLY B 92 -7.32 -13.95 -19.48
CA GLY B 92 -6.79 -14.82 -20.54
C GLY B 92 -5.31 -15.17 -20.37
N LYS B 93 -4.94 -16.37 -20.81
CA LYS B 93 -3.59 -16.88 -20.62
C LYS B 93 -2.58 -16.25 -21.56
N ALA B 94 -3.04 -15.75 -22.72
CA ALA B 94 -2.15 -15.36 -23.80
C ALA B 94 -1.15 -14.27 -23.41
N TYR B 95 -1.53 -13.34 -22.55
CA TYR B 95 -0.59 -12.24 -22.17
C TYR B 95 -0.39 -12.09 -20.65
N TRP B 96 -0.51 -13.21 -19.94
CA TRP B 96 -0.12 -13.31 -18.54
C TRP B 96 1.17 -14.11 -18.51
N ASN B 97 2.27 -13.44 -18.20
CA ASN B 97 3.61 -14.04 -18.30
C ASN B 97 4.64 -13.17 -17.61
N PHE B 98 5.86 -13.70 -17.50
CA PHE B 98 7.00 -12.93 -17.02
C PHE B 98 7.31 -11.78 -17.97
N ARG B 99 7.77 -10.69 -17.38
CA ARG B 99 8.08 -9.48 -18.07
C ARG B 99 9.33 -9.59 -18.94
N SER B 100 9.24 -8.96 -20.11
CA SER B 100 10.39 -8.64 -20.94
C SER B 100 10.14 -7.25 -21.52
N GLY B 101 10.84 -6.25 -20.98
CA GLY B 101 10.60 -4.86 -21.37
C GLY B 101 9.18 -4.45 -21.03
N ASN B 102 8.45 -3.91 -22.01
CA ASN B 102 7.02 -3.63 -21.86
C ASN B 102 6.11 -4.73 -22.39
N SER B 103 6.70 -5.87 -22.70
CA SER B 103 5.98 -6.99 -23.25
C SER B 103 6.22 -8.19 -22.34
N ASN B 104 6.04 -9.39 -22.90
CA ASN B 104 6.26 -10.61 -22.14
C ASN B 104 7.37 -11.44 -22.77
N VAL B 105 7.92 -12.36 -21.98
CA VAL B 105 8.84 -13.37 -22.50
C VAL B 105 8.09 -14.16 -23.58
N SER B 106 8.84 -14.68 -24.54
CA SER B 106 8.25 -15.21 -25.78
C SER B 106 7.47 -16.53 -25.60
N THR B 107 7.88 -17.36 -24.64
CA THR B 107 7.20 -18.63 -24.40
C THR B 107 6.45 -18.62 -23.06
N ALA B 108 5.38 -19.39 -22.98
CA ALA B 108 4.57 -19.47 -21.77
C ALA B 108 5.39 -20.03 -20.62
N TYR B 109 5.23 -19.45 -19.41
CA TYR B 109 5.97 -19.96 -18.24
C TYR B 109 5.41 -21.30 -17.78
N GLU B 110 6.29 -22.15 -17.24
CA GLU B 110 5.86 -23.43 -16.68
C GLU B 110 5.82 -23.45 -15.14
N LYS B 111 6.53 -22.53 -14.47
CA LYS B 111 6.54 -22.49 -13.01
C LYS B 111 6.60 -21.07 -12.45
N ALA B 112 5.72 -20.79 -11.48
CA ALA B 112 5.69 -19.50 -10.80
C ALA B 112 5.14 -19.69 -9.38
N ILE B 113 5.58 -20.75 -8.71
CA ILE B 113 5.05 -21.08 -7.37
C ILE B 113 5.39 -19.95 -6.38
N GLY B 114 6.54 -19.31 -6.59
CA GLY B 114 6.97 -18.18 -5.74
C GLY B 114 6.10 -16.94 -5.81
N PHE B 115 5.14 -16.91 -6.75
CA PHE B 115 4.18 -15.81 -6.88
C PHE B 115 2.81 -16.17 -6.32
N MET B 116 2.66 -17.41 -5.86
CA MET B 116 1.37 -17.86 -5.38
C MET B 116 1.11 -17.41 -3.94
N PRO B 117 -0.17 -17.13 -3.61
CA PRO B 117 -0.48 -16.82 -2.22
C PRO B 117 -0.29 -18.03 -1.31
N ASN B 118 0.37 -17.79 -0.18
CA ASN B 118 0.75 -18.83 0.77
C ASN B 118 -0.46 -19.57 1.36
N LEU B 119 -0.46 -20.90 1.24
CA LEU B 119 -1.61 -21.73 1.67
C LEU B 119 -1.78 -21.87 3.17
N VAL B 120 -0.72 -21.65 3.94
CA VAL B 120 -0.86 -21.63 5.40
C VAL B 120 -1.44 -20.29 5.85
N ALA B 121 -0.94 -19.18 5.31
CA ALA B 121 -1.54 -17.87 5.57
C ALA B 121 -3.01 -17.84 5.08
N TYR B 122 -3.24 -18.43 3.91
CA TYR B 122 -4.50 -18.32 3.19
C TYR B 122 -4.99 -19.70 2.73
N PRO B 123 -5.55 -20.49 3.65
CA PRO B 123 -5.88 -21.87 3.30
C PRO B 123 -7.16 -21.96 2.48
N LYS B 124 -7.30 -23.06 1.74
CA LYS B 124 -8.51 -23.35 0.97
C LYS B 124 -9.66 -23.58 1.93
N PRO B 125 -10.92 -23.43 1.47
CA PRO B 125 -12.05 -23.74 2.37
C PRO B 125 -11.95 -25.14 2.97
N SER B 126 -12.34 -25.28 4.23
CA SER B 126 -12.29 -26.58 4.94
C SER B 126 -13.22 -26.55 6.13
N ASN B 127 -13.22 -27.64 6.90
CA ASN B 127 -13.96 -27.71 8.19
C ASN B 127 -13.33 -26.78 9.26
N SER B 128 -12.06 -26.39 9.09
CA SER B 128 -11.39 -25.48 10.04
C SER B 128 -11.96 -24.06 9.97
N LYS B 129 -11.82 -23.33 11.07
CA LYS B 129 -12.34 -21.97 11.12
C LYS B 129 -11.75 -21.12 9.97
N LYS B 130 -12.63 -20.38 9.29
CA LYS B 130 -12.27 -19.52 8.19
C LYS B 130 -11.93 -18.13 8.77
N TYR B 131 -10.72 -17.67 8.52
CA TYR B 131 -10.25 -16.36 8.98
C TYR B 131 -10.23 -15.30 7.87
N ALA B 132 -10.41 -14.06 8.26
CA ALA B 132 -10.51 -12.93 7.35
C ALA B 132 -9.16 -12.49 6.76
N ARG B 133 -8.05 -13.02 7.27
CA ARG B 133 -6.76 -12.45 6.84
C ARG B 133 -6.42 -12.77 5.38
N ASP B 134 -7.19 -13.68 4.76
CA ASP B 134 -7.08 -13.96 3.31
C ASP B 134 -7.77 -12.92 2.41
N ILE B 135 -8.26 -11.82 2.98
CA ILE B 135 -8.90 -10.74 2.23
C ILE B 135 -8.11 -9.45 2.41
N VAL B 136 -8.03 -8.67 1.34
CA VAL B 136 -7.55 -7.28 1.40
C VAL B 136 -8.66 -6.40 0.84
N TYR B 137 -9.05 -5.39 1.60
CA TYR B 137 -10.03 -4.38 1.10
C TYR B 137 -9.31 -3.13 0.65
N GLY B 138 -9.76 -2.57 -0.48
CA GLY B 138 -9.34 -1.25 -0.91
C GLY B 138 -10.49 -0.56 -1.61
N THR B 139 -10.30 0.71 -1.92
CA THR B 139 -11.25 1.51 -2.68
C THR B 139 -10.50 2.12 -3.83
N ILE B 140 -11.07 2.00 -5.04
CA ILE B 140 -10.58 2.72 -6.21
C ILE B 140 -11.66 3.68 -6.68
N TYR B 141 -11.32 4.52 -7.62
CA TYR B 141 -12.20 5.63 -8.00
C TYR B 141 -12.45 5.60 -9.50
N LEU B 142 -13.73 5.55 -9.87
CA LEU B 142 -14.10 5.46 -11.29
C LEU B 142 -13.85 6.78 -11.99
N GLY B 143 -13.17 6.73 -13.13
CA GLY B 143 -12.89 7.93 -13.91
C GLY B 143 -11.92 8.85 -13.20
N GLY B 144 -11.26 8.37 -12.14
CA GLY B 144 -10.40 9.23 -11.33
C GLY B 144 -11.08 10.30 -10.50
N LYS B 145 -12.42 10.19 -10.35
CA LYS B 145 -13.17 11.22 -9.62
C LYS B 145 -13.33 10.80 -8.15
N PRO B 146 -13.02 11.71 -7.21
CA PRO B 146 -12.99 11.31 -5.80
C PRO B 146 -14.35 11.04 -5.22
N ASP B 147 -15.42 11.44 -5.91
CA ASP B 147 -16.80 11.11 -5.50
C ASP B 147 -17.37 9.88 -6.22
N GLN B 148 -16.51 9.08 -6.83
CA GLN B 148 -16.96 7.84 -7.51
C GLN B 148 -16.22 6.58 -6.99
N PRO B 149 -16.30 6.33 -5.66
CA PRO B 149 -15.66 5.13 -5.10
C PRO B 149 -16.32 3.80 -5.53
N ALA B 150 -15.48 2.78 -5.67
CA ALA B 150 -15.94 1.42 -5.72
C ALA B 150 -14.97 0.60 -4.91
N VAL B 151 -15.51 -0.40 -4.24
CA VAL B 151 -14.71 -1.26 -3.39
C VAL B 151 -14.05 -2.37 -4.21
N ILE B 152 -12.75 -2.58 -4.01
CA ILE B 152 -12.04 -3.72 -4.59
C ILE B 152 -11.68 -4.63 -3.40
N LYS B 153 -12.32 -5.80 -3.38
CA LYS B 153 -12.06 -6.84 -2.39
C LYS B 153 -11.26 -7.96 -3.05
N THR B 154 -10.06 -8.22 -2.53
CA THR B 154 -9.18 -9.22 -3.09
C THR B 154 -9.12 -10.37 -2.09
N THR B 155 -9.35 -11.57 -2.57
CA THR B 155 -9.38 -12.79 -1.75
C THR B 155 -8.40 -13.84 -2.28
N PHE B 156 -7.62 -14.39 -1.37
CA PHE B 156 -6.63 -15.42 -1.67
C PHE B 156 -7.12 -16.85 -1.34
N ASN B 157 -6.97 -17.74 -2.33
CA ASN B 157 -7.13 -19.18 -2.16
C ASN B 157 -8.49 -19.61 -1.65
N GLN B 158 -9.58 -18.95 -2.08
CA GLN B 158 -10.92 -19.39 -1.66
C GLN B 158 -11.73 -20.06 -2.76
N GLU B 159 -11.18 -20.15 -3.96
CA GLU B 159 -11.88 -20.82 -5.05
C GLU B 159 -11.60 -22.31 -5.01
N THR B 160 -12.56 -23.10 -5.48
CA THR B 160 -12.36 -24.54 -5.65
C THR B 160 -11.83 -24.81 -7.07
N GLY B 161 -11.51 -26.07 -7.36
CA GLY B 161 -11.01 -26.44 -8.69
C GLY B 161 -9.67 -25.81 -9.05
N CYS B 162 -8.81 -25.61 -8.06
CA CYS B 162 -7.49 -25.03 -8.29
C CYS B 162 -6.58 -25.27 -7.10
N GLU B 163 -5.28 -25.08 -7.28
CA GLU B 163 -4.34 -25.12 -6.17
C GLU B 163 -4.28 -23.78 -5.43
N TYR B 164 -4.34 -22.69 -6.19
CA TYR B 164 -4.25 -21.34 -5.64
C TYR B 164 -5.21 -20.47 -6.41
N SER B 165 -5.65 -19.37 -5.79
CA SER B 165 -6.48 -18.39 -6.50
C SER B 165 -6.27 -16.97 -5.96
N ILE B 166 -6.52 -16.00 -6.83
CA ILE B 166 -6.61 -14.58 -6.48
C ILE B 166 -7.89 -14.09 -7.14
N THR B 167 -8.81 -13.54 -6.35
CA THR B 167 -10.06 -13.05 -6.93
CA THR B 167 -10.11 -13.11 -6.83
C THR B 167 -10.28 -11.62 -6.55
N PHE B 168 -10.79 -10.85 -7.50
CA PHE B 168 -11.08 -9.44 -7.30
C PHE B 168 -12.56 -9.24 -7.43
N ASN B 169 -13.19 -8.80 -6.35
CA ASN B 169 -14.60 -8.45 -6.38
C ASN B 169 -14.72 -6.96 -6.34
N PHE B 170 -15.41 -6.42 -7.34
CA PHE B 170 -15.66 -5.00 -7.44
C PHE B 170 -17.12 -4.77 -7.12
N SER B 171 -17.40 -3.80 -6.25
CA SER B 171 -18.77 -3.45 -5.88
C SER B 171 -18.90 -1.98 -5.56
N TRP B 172 -20.12 -1.47 -5.63
CA TRP B 172 -20.40 -0.09 -5.26
C TRP B 172 -21.76 0.04 -4.63
N SER B 173 -21.92 1.12 -3.86
CA SER B 173 -23.11 1.37 -3.06
CA SER B 173 -23.11 1.37 -3.06
C SER B 173 -23.72 2.75 -3.35
N LYS B 174 -23.29 3.40 -4.41
CA LYS B 174 -23.90 4.64 -4.86
C LYS B 174 -24.72 4.33 -6.12
N THR B 175 -25.69 5.19 -6.41
CA THR B 175 -26.56 5.02 -7.57
C THR B 175 -25.93 5.78 -8.73
N TYR B 176 -25.05 5.11 -9.47
CA TYR B 176 -24.31 5.78 -10.53
C TYR B 176 -25.18 5.89 -11.77
N GLU B 177 -25.10 7.05 -12.45
CA GLU B 177 -25.89 7.29 -13.67
C GLU B 177 -24.89 7.56 -14.82
N ASN B 178 -24.70 6.56 -15.67
CA ASN B 178 -23.81 6.63 -16.84
C ASN B 178 -22.38 6.93 -16.47
N VAL B 179 -21.86 6.10 -15.55
CA VAL B 179 -20.48 6.16 -15.14
C VAL B 179 -19.72 4.97 -15.74
N GLU B 180 -18.66 5.28 -16.48
CA GLU B 180 -17.84 4.27 -17.11
C GLU B 180 -16.98 3.59 -16.02
N PHE B 181 -16.95 2.27 -16.06
CA PHE B 181 -16.14 1.53 -15.10
C PHE B 181 -14.68 1.39 -15.55
N GLU B 182 -13.89 2.39 -15.23
CA GLU B 182 -12.46 2.32 -15.42
C GLU B 182 -11.84 3.02 -14.22
N THR B 183 -10.82 2.41 -13.64
CA THR B 183 -10.42 2.72 -12.27
C THR B 183 -9.06 3.36 -12.13
N THR B 184 -8.89 4.02 -11.00
CA THR B 184 -7.56 4.33 -10.49
C THR B 184 -6.84 3.03 -10.05
N SER B 185 -5.58 3.14 -9.70
CA SER B 185 -4.76 1.98 -9.34
C SER B 185 -4.69 1.79 -7.84
N PHE B 186 -4.52 0.54 -7.44
CA PHE B 186 -4.41 0.14 -6.05
C PHE B 186 -3.22 -0.81 -5.89
N THR B 187 -2.45 -0.59 -4.81
CA THR B 187 -1.36 -1.46 -4.44
C THR B 187 -1.67 -2.18 -3.14
N PHE B 188 -1.28 -3.45 -3.09
CA PHE B 188 -1.36 -4.29 -1.90
C PHE B 188 -0.21 -5.29 -1.92
N SER B 189 -0.08 -6.11 -0.89
CA SER B 189 0.89 -7.20 -0.89
C SER B 189 0.25 -8.42 -0.29
N TYR B 190 0.89 -9.56 -0.49
CA TYR B 190 0.48 -10.79 0.16
C TYR B 190 1.69 -11.69 0.37
N ILE B 191 1.52 -12.63 1.27
CA ILE B 191 2.58 -13.57 1.66
C ILE B 191 2.72 -14.62 0.57
N ALA B 192 3.93 -14.83 0.07
CA ALA B 192 4.17 -15.78 -1.00
C ALA B 192 4.30 -17.21 -0.46
N GLN B 193 3.89 -18.16 -1.29
CA GLN B 193 3.95 -19.58 -0.96
C GLN B 193 5.37 -20.08 -0.69
N GLU B 194 6.33 -19.56 -1.45
CA GLU B 194 7.74 -19.89 -1.22
C GLU B 194 8.62 -18.76 -1.71
N ASP C 11 23.74 3.99 -2.24
CA ASP C 11 22.52 3.14 -2.44
C ASP C 11 21.80 3.43 -3.77
N THR C 12 22.11 2.56 -4.75
CA THR C 12 21.66 2.70 -6.14
C THR C 12 20.19 2.34 -6.36
N ARG C 13 19.53 1.87 -5.30
CA ARG C 13 18.16 1.38 -5.38
C ARG C 13 17.13 2.30 -4.68
N THR C 14 17.58 3.41 -4.07
CA THR C 14 16.66 4.41 -3.48
C THR C 14 16.98 5.83 -3.90
N LEU C 15 15.97 6.52 -4.43
CA LEU C 15 16.02 7.97 -4.59
C LEU C 15 15.20 8.54 -3.46
N TRP C 16 15.73 9.56 -2.81
CA TRP C 16 14.99 10.17 -1.74
C TRP C 16 15.33 11.60 -1.45
N THR C 17 14.42 12.20 -0.70
N THR C 17 14.62 12.17 -0.48
CA THR C 17 14.75 13.31 0.14
CA THR C 17 14.82 13.56 -0.02
C THR C 17 15.14 12.66 1.44
C THR C 17 15.67 13.78 1.27
N THR C 18 16.37 12.78 1.78
CA THR C 18 16.78 12.69 3.19
CA THR C 18 16.71 12.56 3.17
C THR C 18 15.54 12.73 4.12
N PRO C 19 15.55 11.96 5.19
CA PRO C 19 14.46 11.93 6.13
C PRO C 19 14.47 13.01 7.22
N ASP C 20 15.27 14.08 7.05
CA ASP C 20 15.34 15.16 8.06
C ASP C 20 14.12 16.10 7.92
N THR C 21 14.12 17.21 8.66
CA THR C 21 13.01 18.16 8.60
C THR C 21 13.39 19.47 7.89
N SER C 22 14.54 19.50 7.22
CA SER C 22 14.99 20.72 6.58
C SER C 22 14.12 21.03 5.34
N PRO C 23 13.51 22.23 5.31
CA PRO C 23 12.66 22.55 4.15
C PRO C 23 13.36 22.37 2.78
N ASN C 24 12.63 21.80 1.84
CA ASN C 24 13.16 21.45 0.54
C ASN C 24 12.22 21.70 -0.62
N CYS C 25 11.10 22.35 -0.35
CA CYS C 25 9.99 22.39 -1.29
C CYS C 25 9.31 23.77 -1.21
N THR C 26 8.81 24.24 -2.34
CA THR C 26 8.21 25.55 -2.48
C THR C 26 6.82 25.36 -3.02
N ILE C 27 5.81 25.54 -2.17
CA ILE C 27 4.43 25.47 -2.63
C ILE C 27 3.94 26.86 -3.03
N ALA C 28 3.90 27.75 -2.04
CA ALA C 28 3.40 29.13 -2.21
C ALA C 28 4.53 30.16 -2.08
N GLN C 29 5.56 29.81 -1.31
CA GLN C 29 6.71 30.69 -1.14
C GLN C 29 7.96 29.82 -0.91
N ASP C 30 9.13 30.41 -1.13
CA ASP C 30 10.38 29.68 -1.11
C ASP C 30 10.54 28.85 0.17
N LYS C 31 10.78 27.56 -0.02
CA LYS C 31 11.11 26.63 1.04
C LYS C 31 10.09 26.68 2.16
N ASP C 32 8.82 26.68 1.78
CA ASP C 32 7.74 26.66 2.78
C ASP C 32 7.39 25.26 3.28
N SER C 33 8.10 24.23 2.81
CA SER C 33 7.67 22.88 3.14
C SER C 33 8.81 21.88 3.05
N LYS C 34 8.64 20.75 3.74
CA LYS C 34 9.53 19.59 3.63
C LYS C 34 8.67 18.49 3.09
N LEU C 35 8.95 18.10 1.84
CA LEU C 35 8.39 16.89 1.27
C LEU C 35 9.35 15.77 1.61
N THR C 36 8.84 14.74 2.31
CA THR C 36 9.66 13.54 2.53
C THR C 36 9.16 12.48 1.57
N LEU C 37 9.98 12.13 0.58
CA LEU C 37 9.63 11.19 -0.46
C LEU C 37 10.78 10.20 -0.61
N VAL C 38 10.43 8.92 -0.56
CA VAL C 38 11.37 7.84 -0.73
C VAL C 38 10.84 6.95 -1.81
N LEU C 39 11.64 6.78 -2.85
CA LEU C 39 11.33 5.85 -3.96
C LEU C 39 12.33 4.70 -3.97
N THR C 40 11.84 3.49 -3.77
CA THR C 40 12.66 2.31 -3.67
C THR C 40 12.35 1.39 -4.83
N LYS C 41 13.37 1.08 -5.62
CA LYS C 41 13.17 0.26 -6.80
C LYS C 41 13.15 -1.22 -6.43
N CYS C 42 11.96 -1.79 -6.56
CA CYS C 42 11.74 -3.22 -6.44
CA CYS C 42 11.72 -3.21 -6.43
C CYS C 42 11.45 -3.76 -7.84
N GLY C 43 12.46 -3.75 -8.68
CA GLY C 43 12.32 -4.18 -10.06
C GLY C 43 11.29 -3.41 -10.88
N SER C 44 10.28 -4.14 -11.36
CA SER C 44 9.25 -3.54 -12.23
CA SER C 44 9.22 -3.57 -12.21
C SER C 44 8.31 -2.56 -11.51
N GLN C 45 8.37 -2.47 -10.19
CA GLN C 45 7.60 -1.51 -9.43
C GLN C 45 8.51 -0.68 -8.56
N ILE C 46 8.15 0.60 -8.46
CA ILE C 46 8.70 1.51 -7.46
C ILE C 46 7.77 1.56 -6.26
N LEU C 47 8.33 1.28 -5.09
CA LEU C 47 7.64 1.40 -3.80
C LEU C 47 7.89 2.78 -3.25
N ALA C 48 6.81 3.53 -3.04
CA ALA C 48 6.91 4.93 -2.71
C ALA C 48 6.32 5.21 -1.34
N ASN C 49 6.96 6.11 -0.59
CA ASN C 49 6.53 6.50 0.73
C ASN C 49 6.64 8.02 0.81
N VAL C 50 5.57 8.67 1.23
CA VAL C 50 5.48 10.13 1.17
C VAL C 50 4.80 10.70 2.41
N SER C 51 5.27 11.86 2.84
CA SER C 51 4.61 12.70 3.82
C SER C 51 4.99 14.16 3.53
N LEU C 52 4.31 15.08 4.19
CA LEU C 52 4.53 16.51 3.97
C LEU C 52 4.44 17.29 5.26
N ILE C 53 5.39 18.18 5.46
CA ILE C 53 5.37 19.16 6.55
C ILE C 53 5.39 20.55 5.96
N VAL C 54 4.34 21.33 6.15
CA VAL C 54 4.38 22.74 5.71
C VAL C 54 4.84 23.56 6.88
N VAL C 55 5.92 24.34 6.69
CA VAL C 55 6.58 25.03 7.81
C VAL C 55 6.30 26.52 7.91
N ALA C 56 5.78 27.11 6.83
CA ALA C 56 5.55 28.56 6.74
C ALA C 56 4.61 28.85 5.61
N GLY C 57 4.14 30.10 5.56
CA GLY C 57 3.35 30.58 4.43
C GLY C 57 1.88 30.19 4.49
N LYS C 58 1.24 30.40 3.36
CA LYS C 58 -0.17 30.24 3.12
C LYS C 58 -0.76 28.91 3.61
N TYR C 59 -0.01 27.83 3.45
CA TYR C 59 -0.52 26.51 3.74
C TYR C 59 -0.03 25.95 5.10
N HIS C 60 0.65 26.76 5.92
CA HIS C 60 1.17 26.29 7.19
C HIS C 60 0.05 26.02 8.17
N ILE C 61 -0.82 27.00 8.39
CA ILE C 61 -1.98 26.86 9.29
C ILE C 61 -3.22 27.09 8.43
N ILE C 62 -4.05 26.07 8.31
CA ILE C 62 -5.29 26.17 7.55
C ILE C 62 -6.38 26.76 8.44
N ASN C 63 -7.01 27.83 7.96
CA ASN C 63 -8.19 28.34 8.59
C ASN C 63 -9.23 28.69 7.54
N ASN C 64 -10.18 27.79 7.40
CA ASN C 64 -11.20 27.87 6.36
C ASN C 64 -12.38 28.75 6.77
N LYS C 65 -12.37 29.28 7.99
CA LYS C 65 -13.26 30.35 8.39
C LYS C 65 -12.74 31.64 7.74
N THR C 66 -11.46 31.89 7.95
CA THR C 66 -10.80 33.09 7.42
C THR C 66 -10.73 33.02 5.90
N ASN C 67 -10.32 31.85 5.40
CA ASN C 67 -10.01 31.63 3.99
C ASN C 67 -10.81 30.40 3.45
N PRO C 68 -12.09 30.59 3.13
CA PRO C 68 -12.95 29.42 2.81
C PRO C 68 -12.57 28.65 1.55
N LYS C 69 -11.86 29.29 0.63
CA LYS C 69 -11.46 28.65 -0.63
C LYS C 69 -10.06 28.04 -0.61
N ILE C 70 -9.32 28.17 0.47
CA ILE C 70 -8.02 27.49 0.56
C ILE C 70 -8.28 26.02 0.92
N LYS C 71 -8.42 25.17 -0.10
CA LYS C 71 -8.85 23.78 0.08
C LYS C 71 -7.97 22.76 -0.64
N SER C 72 -6.92 23.21 -1.33
CA SER C 72 -6.07 22.32 -2.08
C SER C 72 -4.80 23.00 -2.55
N PHE C 73 -3.80 22.18 -2.84
CA PHE C 73 -2.57 22.65 -3.46
C PHE C 73 -1.84 21.47 -4.08
N THR C 74 -0.88 21.77 -4.94
CA THR C 74 -0.19 20.76 -5.71
C THR C 74 1.32 20.89 -5.62
N ILE C 75 1.97 19.75 -5.46
CA ILE C 75 3.43 19.63 -5.52
C ILE C 75 3.79 18.78 -6.73
N LYS C 76 4.62 19.33 -7.62
CA LYS C 76 5.00 18.65 -8.86
C LYS C 76 6.47 18.32 -8.91
N LEU C 77 6.74 17.08 -9.30
CA LEU C 77 8.08 16.62 -9.66
CA LEU C 77 8.08 16.63 -9.65
C LEU C 77 8.10 16.33 -11.15
N LEU C 78 8.97 17.05 -11.87
CA LEU C 78 9.07 17.00 -13.32
C LEU C 78 10.45 16.43 -13.64
N PHE C 79 10.50 15.47 -14.58
CA PHE C 79 11.76 14.83 -14.93
C PHE C 79 12.03 14.82 -16.42
N ASN C 80 13.31 14.90 -16.78
CA ASN C 80 13.69 14.78 -18.18
C ASN C 80 13.86 13.33 -18.61
N LYS C 81 14.34 13.14 -19.85
CA LYS C 81 14.45 11.81 -20.42
C LYS C 81 15.39 10.89 -19.65
N ASN C 82 16.30 11.48 -18.88
CA ASN C 82 17.22 10.71 -18.05
C ASN C 82 16.75 10.51 -16.61
N GLY C 83 15.53 10.93 -16.30
CA GLY C 83 15.00 10.83 -14.94
C GLY C 83 15.55 11.85 -13.97
N VAL C 84 16.14 12.92 -14.52
CA VAL C 84 16.70 14.01 -13.72
C VAL C 84 15.60 15.05 -13.44
N LEU C 85 15.56 15.53 -12.19
CA LEU C 85 14.58 16.48 -11.73
C LEU C 85 14.82 17.83 -12.39
N LEU C 86 13.75 18.42 -12.90
CA LEU C 86 13.80 19.71 -13.59
C LEU C 86 13.48 20.83 -12.61
N ASP C 87 14.07 22.00 -12.83
CA ASP C 87 13.98 23.09 -11.85
C ASP C 87 12.61 23.79 -11.69
N ASN C 88 11.67 23.57 -12.60
CA ASN C 88 10.30 24.05 -12.38
C ASN C 88 9.52 23.17 -11.38
N SER C 89 10.12 22.06 -10.93
CA SER C 89 9.53 21.25 -9.87
C SER C 89 9.44 22.05 -8.55
N ASN C 90 8.42 21.73 -7.74
CA ASN C 90 8.25 22.39 -6.44
C ASN C 90 9.36 21.92 -5.49
N LEU C 91 9.77 20.66 -5.63
CA LEU C 91 10.90 20.09 -4.85
C LEU C 91 12.21 20.65 -5.42
N GLY C 92 13.08 21.14 -4.56
CA GLY C 92 14.38 21.68 -4.99
C GLY C 92 15.38 20.61 -5.38
N LYS C 93 16.15 20.91 -6.43
CA LYS C 93 17.07 19.92 -7.01
C LYS C 93 18.17 19.47 -6.05
N ALA C 94 18.58 20.37 -5.16
CA ALA C 94 19.70 20.09 -4.26
C ALA C 94 19.38 18.99 -3.26
N TYR C 95 18.09 18.72 -3.10
CA TYR C 95 17.53 17.86 -2.06
C TYR C 95 17.16 16.45 -2.51
N TRP C 96 17.39 16.14 -3.78
CA TRP C 96 16.88 14.93 -4.41
C TRP C 96 18.00 14.15 -5.04
N ASN C 97 18.26 12.96 -4.52
CA ASN C 97 19.42 12.17 -4.98
C ASN C 97 19.30 10.74 -4.47
N PHE C 98 20.21 9.90 -4.95
CA PHE C 98 20.35 8.56 -4.38
C PHE C 98 20.79 8.61 -2.93
N ARG C 99 20.28 7.66 -2.14
CA ARG C 99 20.62 7.54 -0.71
C ARG C 99 22.10 7.18 -0.50
N SER C 100 22.75 7.86 0.44
CA SER C 100 24.03 7.43 1.03
C SER C 100 23.93 7.62 2.54
N GLY C 101 23.77 6.52 3.27
CA GLY C 101 23.54 6.56 4.72
C GLY C 101 22.22 7.28 5.01
N ASN C 102 22.22 8.21 5.96
CA ASN C 102 21.04 9.04 6.20
C ASN C 102 21.03 10.32 5.38
N SER C 103 21.95 10.44 4.43
CA SER C 103 22.09 11.62 3.59
C SER C 103 22.00 11.25 2.09
N ASN C 104 22.51 12.16 1.25
CA ASN C 104 22.52 12.00 -0.21
C ASN C 104 23.96 11.93 -0.71
N VAL C 105 24.14 11.32 -1.88
CA VAL C 105 25.41 11.37 -2.59
C VAL C 105 25.72 12.87 -2.76
N SER C 106 27.01 13.23 -2.76
CA SER C 106 27.40 14.64 -2.68
C SER C 106 27.43 15.33 -4.04
N THR C 107 27.22 14.54 -5.11
CA THR C 107 27.04 15.10 -6.46
C THR C 107 25.79 14.55 -7.14
N ALA C 108 25.19 15.42 -7.95
CA ALA C 108 23.95 15.13 -8.63
C ALA C 108 24.05 13.89 -9.56
N TYR C 109 23.03 13.02 -9.48
CA TYR C 109 22.95 11.83 -10.34
C TYR C 109 22.69 12.20 -11.80
N GLU C 110 23.15 11.34 -12.71
CA GLU C 110 23.02 11.55 -14.14
C GLU C 110 21.86 10.80 -14.75
N LYS C 111 21.53 9.63 -14.21
CA LYS C 111 20.50 8.75 -14.79
C LYS C 111 19.68 8.07 -13.69
N ALA C 112 18.37 8.07 -13.86
CA ALA C 112 17.45 7.33 -13.00
C ALA C 112 16.19 6.92 -13.75
N ILE C 113 16.36 6.44 -14.98
CA ILE C 113 15.21 6.06 -15.79
C ILE C 113 14.42 4.90 -15.16
N GLY C 114 15.11 4.03 -14.43
CA GLY C 114 14.47 2.90 -13.77
C GLY C 114 13.50 3.27 -12.68
N PHE C 115 13.53 4.54 -12.27
CA PHE C 115 12.61 5.07 -11.23
C PHE C 115 11.44 5.85 -11.81
N MET C 116 11.42 6.02 -13.13
CA MET C 116 10.39 6.83 -13.75
C MET C 116 9.08 6.07 -13.94
N PRO C 117 7.94 6.78 -13.91
CA PRO C 117 6.68 6.06 -14.13
C PRO C 117 6.56 5.63 -15.59
N ASN C 118 6.19 4.37 -15.81
CA ASN C 118 6.12 3.75 -17.13
C ASN C 118 5.18 4.51 -18.08
N LEU C 119 5.68 4.87 -19.25
CA LEU C 119 4.91 5.67 -20.22
C LEU C 119 3.83 4.90 -20.97
N VAL C 120 3.96 3.58 -21.11
CA VAL C 120 2.87 2.77 -21.65
C VAL C 120 1.74 2.66 -20.60
N ALA C 121 2.10 2.42 -19.35
CA ALA C 121 1.08 2.39 -18.28
C ALA C 121 0.40 3.74 -18.11
N TYR C 122 1.20 4.81 -18.22
CA TYR C 122 0.80 6.16 -17.83
C TYR C 122 1.25 7.12 -18.91
N PRO C 123 0.53 7.14 -20.04
CA PRO C 123 0.98 8.00 -21.14
C PRO C 123 0.78 9.49 -20.87
N LYS C 124 1.57 10.31 -21.57
CA LYS C 124 1.38 11.75 -21.55
C LYS C 124 0.03 12.13 -22.16
N PRO C 125 -0.49 13.32 -21.80
CA PRO C 125 -1.74 13.80 -22.43
C PRO C 125 -1.65 13.83 -23.95
N SER C 126 -2.73 13.40 -24.60
CA SER C 126 -2.81 13.39 -26.04
C SER C 126 -4.28 13.50 -26.44
N ASN C 127 -4.56 13.24 -27.70
CA ASN C 127 -5.93 13.18 -28.19
C ASN C 127 -6.62 11.85 -27.93
N SER C 128 -5.86 10.85 -27.54
CA SER C 128 -6.41 9.52 -27.21
CA SER C 128 -6.49 9.55 -27.26
C SER C 128 -7.12 9.54 -25.86
N LYS C 129 -8.02 8.58 -25.67
CA LYS C 129 -8.75 8.45 -24.42
C LYS C 129 -7.81 8.37 -23.21
N LYS C 130 -8.12 9.16 -22.17
CA LYS C 130 -7.32 9.25 -20.95
C LYS C 130 -7.93 8.30 -19.92
N TYR C 131 -7.13 7.36 -19.43
CA TYR C 131 -7.57 6.43 -18.40
C TYR C 131 -7.12 6.84 -17.01
N ALA C 132 -7.89 6.42 -16.03
CA ALA C 132 -7.68 6.79 -14.64
C ALA C 132 -6.58 5.98 -13.96
N ARG C 133 -6.02 5.00 -14.66
CA ARG C 133 -5.05 4.15 -13.95
C ARG C 133 -3.73 4.85 -13.64
N ASP C 134 -3.51 6.04 -14.21
CA ASP C 134 -2.37 6.87 -13.86
C ASP C 134 -2.56 7.72 -12.58
N ILE C 135 -3.62 7.44 -11.83
CA ILE C 135 -3.88 8.06 -10.56
C ILE C 135 -3.90 7.04 -9.43
N VAL C 136 -3.33 7.42 -8.28
CA VAL C 136 -3.49 6.69 -7.02
CA VAL C 136 -3.58 6.66 -7.06
C VAL C 136 -4.11 7.63 -6.00
N TYR C 137 -5.20 7.25 -5.36
CA TYR C 137 -5.75 8.01 -4.26
C TYR C 137 -5.34 7.42 -2.91
N GLY C 138 -5.10 8.29 -1.96
CA GLY C 138 -4.96 7.92 -0.56
C GLY C 138 -5.43 9.05 0.32
N THR C 139 -5.48 8.77 1.62
CA THR C 139 -5.85 9.76 2.62
C THR C 139 -4.79 9.78 3.69
N ILE C 140 -4.30 10.98 4.03
CA ILE C 140 -3.43 11.14 5.18
C ILE C 140 -4.14 12.02 6.23
N TYR C 141 -3.53 12.16 7.40
CA TYR C 141 -4.20 12.79 8.55
C TYR C 141 -3.32 13.90 9.12
N LEU C 142 -3.88 15.09 9.22
CA LEU C 142 -3.14 16.25 9.68
C LEU C 142 -2.90 16.15 11.18
N GLY C 143 -1.66 16.36 11.58
CA GLY C 143 -1.32 16.29 13.00
C GLY C 143 -1.50 14.90 13.62
N GLY C 144 -1.63 13.89 12.78
CA GLY C 144 -1.83 12.51 13.24
C GLY C 144 -3.21 12.27 13.86
N LYS C 145 -4.14 13.20 13.66
CA LYS C 145 -5.46 13.12 14.30
C LYS C 145 -6.43 12.43 13.32
N PRO C 146 -7.16 11.41 13.78
CA PRO C 146 -7.98 10.63 12.87
C PRO C 146 -9.20 11.39 12.33
N ASP C 147 -9.55 12.52 12.97
CA ASP C 147 -10.61 13.39 12.47
C ASP C 147 -10.12 14.53 11.59
N GLN C 148 -8.87 14.46 11.11
CA GLN C 148 -8.36 15.50 10.22
C GLN C 148 -7.83 14.90 8.91
N PRO C 149 -8.71 14.25 8.14
CA PRO C 149 -8.29 13.72 6.83
C PRO C 149 -7.98 14.78 5.79
N ALA C 150 -7.03 14.48 4.93
CA ALA C 150 -6.83 15.18 3.69
C ALA C 150 -6.48 14.16 2.63
N VAL C 151 -7.01 14.38 1.44
CA VAL C 151 -6.82 13.47 0.33
C VAL C 151 -5.49 13.78 -0.36
N ILE C 152 -4.69 12.75 -0.59
CA ILE C 152 -3.48 12.86 -1.41
C ILE C 152 -3.75 12.11 -2.72
N LYS C 153 -3.84 12.87 -3.80
CA LYS C 153 -4.04 12.33 -5.14
C LYS C 153 -2.72 12.40 -5.88
N THR C 154 -2.21 11.25 -6.30
CA THR C 154 -0.95 11.18 -6.99
C THR C 154 -1.20 10.81 -8.44
N THR C 155 -0.62 11.58 -9.37
CA THR C 155 -0.82 11.37 -10.80
C THR C 155 0.52 11.24 -11.49
N PHE C 156 0.59 10.27 -12.39
CA PHE C 156 1.81 10.00 -13.16
C PHE C 156 1.73 10.52 -14.60
N ASN C 157 2.77 11.24 -14.97
CA ASN C 157 3.04 11.61 -16.39
C ASN C 157 1.97 12.46 -17.01
N GLN C 158 1.33 13.32 -16.24
CA GLN C 158 0.32 14.22 -16.79
C GLN C 158 0.73 15.69 -16.97
N GLU C 159 1.96 16.04 -16.61
CA GLU C 159 2.43 17.40 -16.77
C GLU C 159 3.14 17.59 -18.10
N THR C 160 3.08 18.81 -18.59
CA THR C 160 3.87 19.24 -19.77
C THR C 160 5.25 19.72 -19.33
N GLY C 161 6.12 19.97 -20.32
CA GLY C 161 7.46 20.50 -20.04
C GLY C 161 8.43 19.48 -19.47
N CYS C 162 8.14 18.20 -19.71
CA CYS C 162 8.92 17.11 -19.13
C CYS C 162 8.67 15.84 -19.88
N GLU C 163 9.52 14.84 -19.66
CA GLU C 163 9.30 13.49 -20.18
C GLU C 163 8.46 12.64 -19.22
N TYR C 164 8.65 12.86 -17.92
CA TYR C 164 7.96 12.13 -16.88
C TYR C 164 7.56 13.08 -15.77
N SER C 165 6.55 12.72 -14.99
CA SER C 165 6.16 13.51 -13.83
C SER C 165 5.45 12.70 -12.78
N ILE C 166 5.62 13.16 -11.53
CA ILE C 166 4.86 12.69 -10.40
C ILE C 166 4.29 13.92 -9.73
N THR C 167 2.95 13.98 -9.61
CA THR C 167 2.34 15.12 -8.92
CA THR C 167 2.21 15.12 -9.06
C THR C 167 1.46 14.68 -7.79
N PHE C 168 1.58 15.43 -6.69
CA PHE C 168 0.82 15.21 -5.46
C PHE C 168 -0.15 16.35 -5.27
N ASN C 169 -1.44 16.07 -5.33
CA ASN C 169 -2.44 17.05 -5.04
C ASN C 169 -3.03 16.73 -3.70
N PHE C 170 -2.92 17.70 -2.81
CA PHE C 170 -3.48 17.63 -1.48
C PHE C 170 -4.76 18.44 -1.43
N SER C 171 -5.84 17.86 -0.92
CA SER C 171 -7.10 18.57 -0.82
C SER C 171 -7.88 18.11 0.40
N TRP C 172 -8.83 18.92 0.82
CA TRP C 172 -9.68 18.54 1.96
C TRP C 172 -11.06 19.12 1.82
N SER C 173 -12.02 18.44 2.41
CA SER C 173 -13.42 18.83 2.33
C SER C 173 -14.01 19.34 3.63
N LYS C 174 -13.29 19.17 4.73
CA LYS C 174 -13.73 19.67 6.00
C LYS C 174 -13.33 21.14 6.13
N THR C 175 -14.01 21.85 7.02
CA THR C 175 -13.72 23.25 7.32
C THR C 175 -12.77 23.31 8.51
N TYR C 176 -11.47 23.31 8.24
CA TYR C 176 -10.48 23.30 9.32
C TYR C 176 -10.24 24.67 9.88
N GLU C 177 -10.15 24.76 11.19
CA GLU C 177 -9.93 26.03 11.87
C GLU C 177 -8.62 25.97 12.70
N ASN C 178 -7.58 26.61 12.16
CA ASN C 178 -6.24 26.63 12.77
C ASN C 178 -5.61 25.24 12.92
N VAL C 179 -5.53 24.56 11.80
CA VAL C 179 -4.95 23.22 11.74
C VAL C 179 -3.63 23.27 10.97
N GLU C 180 -2.54 22.87 11.64
CA GLU C 180 -1.22 22.83 11.00
C GLU C 180 -1.14 21.74 9.93
N PHE C 181 -0.64 22.09 8.74
CA PHE C 181 -0.58 21.13 7.65
C PHE C 181 0.73 20.34 7.71
N GLU C 182 0.71 19.26 8.47
CA GLU C 182 1.83 18.33 8.55
C GLU C 182 1.18 16.97 8.74
N THR C 183 1.62 16.00 7.95
CA THR C 183 0.86 14.80 7.69
C THR C 183 1.47 13.49 8.19
N THR C 184 0.59 12.51 8.33
CA THR C 184 0.98 11.13 8.43
C THR C 184 1.54 10.66 7.08
N SER C 185 2.08 9.45 7.06
CA SER C 185 2.73 8.91 5.88
C SER C 185 1.82 7.99 5.09
N PHE C 186 2.07 7.93 3.78
CA PHE C 186 1.32 7.08 2.86
C PHE C 186 2.28 6.33 1.93
N THR C 187 1.96 5.06 1.70
CA THR C 187 2.69 4.21 0.78
C THR C 187 1.84 3.83 -0.41
N PHE C 188 2.48 3.82 -1.58
CA PHE C 188 1.88 3.38 -2.82
C PHE C 188 2.96 2.78 -3.71
N SER C 189 2.61 2.30 -4.89
CA SER C 189 3.60 1.87 -5.87
C SER C 189 3.16 2.27 -7.25
N TYR C 190 4.07 2.17 -8.20
CA TYR C 190 3.75 2.39 -9.59
C TYR C 190 4.69 1.57 -10.45
N ILE C 191 4.26 1.36 -11.69
CA ILE C 191 4.99 0.57 -12.64
C ILE C 191 6.15 1.40 -13.19
N ALA C 192 7.35 0.82 -13.17
CA ALA C 192 8.58 1.46 -13.59
C ALA C 192 8.76 1.44 -15.10
N GLN C 193 9.38 2.50 -15.62
CA GLN C 193 9.66 2.64 -17.05
C GLN C 193 10.54 1.52 -17.60
N GLU C 194 11.55 1.12 -16.82
CA GLU C 194 12.40 0.02 -17.23
C GLU C 194 12.96 -0.64 -16.00
C1 18D D . -19.91 0.96 6.83
C2 18D D . -19.35 2.00 5.86
C3 18D D . -17.87 2.33 6.07
C4 18D D . -16.95 1.22 5.54
C5 18D D . -17.32 0.86 4.11
C6 18D D . -18.81 0.47 4.07
C7 18D D . -19.35 0.04 2.71
C8 18D D . -20.87 -0.19 2.78
C9 18D D . -21.37 -0.95 1.58
C10 18D D . -15.57 -0.02 2.63
C11 18D D . -14.78 -1.24 2.20
N5 18D D . -16.48 -0.22 3.59
O1B 18D D . -20.69 0.06 6.43
O1A 18D D . -19.56 1.01 8.03
O4 18D D . -15.58 1.66 5.64
O6 18D D . -19.60 1.59 4.51
O7 18D D . -19.03 1.05 1.71
O8 18D D . -21.25 -0.95 3.93
O9 18D D . -20.77 -2.27 1.62
C22 18D D . -13.43 -0.83 1.49
O10 18D D . -15.38 1.12 2.15
OAA 1P0 E . -20.13 3.17 6.00
CAG 1P0 E . -21.56 3.17 5.77
CAJ 1P0 E . -22.11 4.29 6.62
NAZ 1P0 E . -21.95 5.56 5.94
CAD 1P0 E . -22.51 6.68 6.30
NAS 1P0 E . -21.24 5.79 4.90
NAP 1P0 E . -21.36 7.06 4.57
CAV 1P0 E . -22.19 7.61 5.41
CAM 1P0 E . -22.58 9.15 5.44
NAY 1P0 E . -21.38 9.35 6.50
CAO 1P0 E . -21.60 9.34 7.93
CAX 1P0 E . -20.24 9.47 8.78
CAF 1P0 E . -19.69 10.64 9.12
NAR 1P0 E . -19.45 8.53 9.30
NAU 1P0 E . -18.38 9.17 9.97
NBB 1P0 E . -18.57 10.42 9.82
CAL 1P0 E . -17.87 11.59 10.24
CAI 1P0 E . -16.51 11.18 10.66
OAC 1P0 E . -15.65 11.10 9.44
CAN 1P0 E . -20.66 10.65 6.36
CAW 1P0 E . -20.47 10.86 4.87
CAE 1P0 E . -19.57 11.63 4.24
NAQ 1P0 E . -21.24 10.34 3.94
NAT 1P0 E . -20.86 10.74 2.82
NBA 1P0 E . -19.86 11.50 2.94
CAK 1P0 E . -19.17 12.15 1.84
CAH 1P0 E . -19.39 11.32 0.54
OAB 1P0 E . -18.47 10.19 0.55
C ACT F . -6.23 -3.69 28.04
O ACT F . -7.22 -4.13 28.70
OXT ACT F . -5.05 -4.11 28.19
CH3 ACT F . -6.46 -2.62 27.04
C1 EDO G . -12.32 -9.99 30.43
O1 EDO G . -13.43 -9.11 30.11
C2 EDO G . -12.42 -11.32 29.68
O2 EDO G . -13.60 -11.40 28.84
ZN ZN H . -13.03 -16.42 18.12
MG MG I . -23.75 -6.47 8.52
C1 18D J . -18.12 10.11 -1.81
C2 18D J . -17.43 10.06 -0.44
C3 18D J . -16.63 8.78 -0.20
C4 18D J . -15.33 8.78 -1.02
C5 18D J . -14.52 10.04 -0.75
C6 18D J . -15.40 11.24 -1.10
C7 18D J . -14.74 12.61 -0.95
C8 18D J . -15.71 13.78 -1.21
C9 18D J . -14.95 15.08 -1.51
C10 18D J . -12.06 10.02 -0.94
C11 18D J . -10.88 10.11 -1.90
N5 18D J . -13.27 10.08 -1.50
O1B 18D J . -18.06 11.16 -2.51
O1A 18D J . -18.75 9.12 -2.20
O4 18D J . -14.55 7.63 -0.67
O6 18D J . -16.59 11.20 -0.27
O7 18D J . -14.21 12.73 0.39
O8 18D J . -16.54 13.49 -2.34
O9 18D J . -14.21 14.94 -2.75
C22 18D J . -9.59 9.38 -1.33
O10 18D J . -11.93 9.86 0.28
C ACT K . -10.90 -18.43 17.44
O ACT K . -11.80 -18.04 18.26
OXT ACT K . -10.51 -17.77 16.45
CH3 ACT K . -10.25 -19.77 17.69
C1 EDO L . -5.39 -12.37 -23.02
O1 EDO L . -5.75 -11.84 -24.29
C2 EDO L . -4.12 -11.71 -22.55
O2 EDO L . -3.62 -12.16 -21.26
ZN ZN M . -15.48 3.13 -22.59
C1 18D N . -13.77 12.26 10.23
C2 18D N . -14.22 10.92 9.67
C3 18D N . -13.47 10.48 8.40
C4 18D N . -12.04 10.03 8.68
C5 18D N . -12.06 8.94 9.75
C6 18D N . -12.74 9.51 11.00
C7 18D N . -12.79 8.57 12.20
C8 18D N . -13.62 9.14 13.36
C9 18D N . -13.33 8.38 14.65
C10 18D N . -10.27 7.26 9.86
C11 18D N . -8.86 6.95 10.30
N5 18D N . -10.71 8.49 10.10
O1B 18D N . -13.62 13.22 9.46
O1A 18D N . -13.57 12.39 11.48
O4 18D N . -11.43 9.58 7.47
O6 18D N . -14.10 9.90 10.64
O7 18D N . -13.40 7.35 11.79
O8 18D N . -13.30 10.52 13.57
O9 18D N . -14.34 8.67 15.65
C22 18D N . -8.22 5.87 9.33
O10 18D N . -10.97 6.43 9.29
C ACT O . -0.73 28.20 -4.35
O ACT O . -1.06 29.22 -3.68
OXT ACT O . -1.36 27.10 -4.30
CH3 ACT O . 0.48 28.27 -5.25
C ACT P . 5.13 18.89 -23.45
O ACT P . 5.44 17.72 -23.06
OXT ACT P . 5.77 19.88 -23.08
CH3 ACT P . 3.96 19.13 -24.39
C ACT Q . 1.85 28.36 13.97
O ACT Q . 2.00 27.18 14.35
OXT ACT Q . 2.65 28.84 13.11
CH3 ACT Q . 0.71 29.11 14.61
C1 EDO R . 19.37 4.42 -14.80
O1 EDO R . 18.77 5.03 -15.94
C2 EDO R . 18.52 3.25 -14.34
O2 EDO R . 17.80 3.65 -13.16
ZN ZN S . 3.69 27.11 13.22
MG MG T . -10.90 16.90 16.86
#